data_5A39
#
_entry.id   5A39
#
_cell.length_a   54.421
_cell.length_b   54.421
_cell.length_c   130.773
_cell.angle_alpha   90.00
_cell.angle_beta   90.00
_cell.angle_gamma   90.00
#
_symmetry.space_group_name_H-M   'P 41'
#
loop_
_entity.id
_entity.type
_entity.pdbx_description
1 polymer 'DNA REPAIR PROTEIN RAD14'
2 polymer DNA
3 polymer "5'-D(*DTP*GP*AP*TP*GP*AP*CP*CP*GP*TP*AP*GP*AP)-3'"
4 polymer "5'-D(*DGP*AP*TP*GP*AP*CP*CP*GP*TP*AP*GP*AP*GP)-3'"
5 non-polymer 'ZINC ION'
6 non-polymer Cisplatin
#
loop_
_entity_poly.entity_id
_entity_poly.type
_entity_poly.pdbx_seq_one_letter_code
_entity_poly.pdbx_strand_id
1 'polypeptide(L)'
;APKCIECHINIEMDPVLHDVFKLQVCKQCSKEHPEKYALLTKTECKEDYFLTDPELNDEDLFHRLEKPNPHSGTFARMQL
FVRCEVEAFAFKKWGGEEGLDEEWQRREEGKAHRR
;
A,B
2 'polydeoxyribonucleotide' (DT)(DC)(DT)(DC)(DT)(DA)(DC)(DG)(DG)(DT)(DC)(DA)(DT)(DC)(DA) C,D
3 'polydeoxyribonucleotide' (DT)(DG)(DA)(DT)(DG)(DA)(DC)(DC)(DG)(DT)(DA)(DG)(DA) E,F
4 'polydeoxyribonucleotide' (DG)(DA)(DT)(DG)(DA)(DC)(DC)(DG)(DT)(DA)(DG)(DA)(DG) G,H
#
# COMPACT_ATOMS: atom_id res chain seq x y z
N ALA A 1 -4.99 11.91 -24.25
CA ALA A 1 -5.33 12.65 -22.98
C ALA A 1 -5.09 11.69 -21.80
N PRO A 2 -4.15 12.05 -20.92
CA PRO A 2 -3.61 11.06 -19.93
C PRO A 2 -4.53 10.79 -18.71
N LYS A 3 -4.77 9.52 -18.36
CA LYS A 3 -5.71 9.14 -17.29
C LYS A 3 -5.05 8.95 -15.94
N CYS A 4 -5.72 9.34 -14.85
CA CYS A 4 -5.23 9.07 -13.51
C CYS A 4 -4.75 7.60 -13.36
N ILE A 5 -3.55 7.41 -12.84
CA ILE A 5 -2.96 6.08 -12.76
C ILE A 5 -3.61 5.14 -11.78
N GLU A 6 -4.37 5.63 -10.82
CA GLU A 6 -5.14 4.75 -9.99
C GLU A 6 -6.44 4.34 -10.69
N CYS A 7 -7.30 5.32 -11.01
CA CYS A 7 -8.62 4.97 -11.50
C CYS A 7 -8.66 4.69 -13.00
N HIS A 8 -7.68 5.16 -13.73
CA HIS A 8 -7.67 5.00 -15.19
C HIS A 8 -8.86 5.64 -15.91
N ILE A 9 -9.56 6.58 -15.27
CA ILE A 9 -10.83 7.12 -15.77
C ILE A 9 -10.78 8.63 -15.86
N ASN A 10 -10.42 9.25 -14.75
CA ASN A 10 -10.41 10.69 -14.65
C ASN A 10 -9.27 11.29 -15.45
N ILE A 11 -9.51 12.47 -16.01
CA ILE A 11 -8.46 13.19 -16.69
C ILE A 11 -8.01 14.47 -16.01
N GLU A 12 -8.81 15.06 -15.09
CA GLU A 12 -8.38 16.17 -14.21
C GLU A 12 -7.58 15.68 -13.02
N MET A 13 -6.31 16.03 -12.96
CA MET A 13 -5.48 15.57 -11.89
C MET A 13 -5.56 16.52 -10.72
N ASP A 14 -5.14 16.02 -9.56
CA ASP A 14 -5.07 16.85 -8.38
C ASP A 14 -3.97 17.90 -8.60
N PRO A 15 -4.28 19.18 -8.43
CA PRO A 15 -3.23 20.13 -8.85
C PRO A 15 -1.96 20.06 -8.01
N VAL A 16 -2.06 19.80 -6.72
CA VAL A 16 -0.84 19.73 -5.90
C VAL A 16 -0.03 18.46 -6.18
N LEU A 17 -0.68 17.32 -6.27
CA LEU A 17 0.02 16.06 -6.48
C LEU A 17 0.61 16.05 -7.87
N HIS A 18 -0.08 16.64 -8.82
CA HIS A 18 0.44 16.73 -10.15
C HIS A 18 1.60 17.68 -10.15
N ASP A 19 1.34 18.90 -9.75
CA ASP A 19 2.32 19.98 -9.93
C ASP A 19 3.55 19.85 -9.06
N VAL A 20 3.34 19.56 -7.81
CA VAL A 20 4.41 19.53 -6.84
C VAL A 20 5.10 18.17 -6.70
N PHE A 21 4.32 17.10 -6.76
CA PHE A 21 4.81 15.77 -6.51
C PHE A 21 4.95 14.93 -7.77
N LYS A 22 4.55 15.47 -8.91
CA LYS A 22 4.72 14.83 -10.21
C LYS A 22 4.00 13.53 -10.28
N LEU A 23 2.79 13.50 -9.75
CA LEU A 23 1.99 12.29 -9.80
C LEU A 23 0.74 12.54 -10.66
N GLN A 24 0.52 11.72 -11.66
CA GLN A 24 -0.72 11.79 -12.43
C GLN A 24 -1.83 11.09 -11.67
N VAL A 25 -2.45 11.84 -10.74
CA VAL A 25 -3.45 11.28 -9.82
C VAL A 25 -4.55 12.26 -9.48
N CYS A 26 -5.78 11.75 -9.50
CA CYS A 26 -6.94 12.62 -9.30
C CYS A 26 -7.22 12.83 -7.85
N LYS A 27 -7.93 13.89 -7.57
CA LYS A 27 -8.21 14.25 -6.19
C LYS A 27 -8.93 13.10 -5.50
N GLN A 28 -9.92 12.51 -6.15
CA GLN A 28 -10.73 11.51 -5.49
C GLN A 28 -9.91 10.27 -5.17
N CYS A 29 -9.10 9.83 -6.13
CA CYS A 29 -8.27 8.64 -5.99
C CYS A 29 -7.24 8.92 -4.93
N SER A 30 -6.79 10.15 -4.81
CA SER A 30 -5.89 10.46 -3.70
C SER A 30 -6.54 10.33 -2.31
N LYS A 31 -7.79 10.78 -2.14
CA LYS A 31 -8.53 10.62 -0.88
C LYS A 31 -8.77 9.13 -0.60
N GLU A 32 -9.06 8.35 -1.64
CA GLU A 32 -9.33 6.91 -1.51
C GLU A 32 -8.05 6.05 -1.29
N HIS A 33 -6.88 6.69 -1.19
CA HIS A 33 -5.63 5.94 -1.00
C HIS A 33 -4.58 6.72 -0.16
N PRO A 34 -4.91 7.02 1.09
CA PRO A 34 -3.96 7.74 1.90
C PRO A 34 -2.71 6.91 2.17
N GLU A 35 -2.78 5.59 2.02
CA GLU A 35 -1.58 4.77 2.15
C GLU A 35 -0.45 5.24 1.22
N LYS A 36 -0.78 6.00 0.19
CA LYS A 36 0.21 6.54 -0.74
C LYS A 36 0.27 8.05 -0.82
N TYR A 37 -0.87 8.70 -0.71
CA TYR A 37 -0.99 10.07 -1.19
C TYR A 37 -1.26 11.08 -0.12
N ALA A 38 -1.29 10.66 1.13
CA ALA A 38 -1.60 11.56 2.20
C ALA A 38 -0.37 12.39 2.40
N LEU A 39 -0.57 13.62 2.77
CA LEU A 39 0.53 14.51 3.06
C LEU A 39 0.80 14.55 4.55
N LEU A 40 2.10 14.56 4.85
CA LEU A 40 2.60 14.54 6.17
C LEU A 40 3.43 15.77 6.42
N THR A 41 3.31 16.34 7.60
CA THR A 41 4.16 17.43 7.97
C THR A 41 5.57 16.90 8.14
N LYS A 42 6.53 17.79 8.20
CA LYS A 42 7.87 17.45 8.58
C LYS A 42 8.01 16.76 9.96
N THR A 43 7.28 17.25 10.95
CA THR A 43 7.22 16.58 12.25
C THR A 43 6.67 15.14 12.19
N GLU A 44 5.65 14.90 11.38
CA GLU A 44 5.14 13.54 11.26
C GLU A 44 6.20 12.65 10.65
N CYS A 45 6.88 13.13 9.62
CA CYS A 45 7.96 12.35 9.01
C CYS A 45 9.02 11.98 10.04
N LYS A 46 9.43 12.89 10.90
CA LYS A 46 10.43 12.55 11.90
C LYS A 46 9.92 11.52 12.89
N GLU A 47 8.70 11.73 13.36
CA GLU A 47 8.10 10.86 14.37
C GLU A 47 7.73 9.52 13.83
N ASP A 48 7.11 9.48 12.68
CA ASP A 48 6.58 8.24 12.18
C ASP A 48 7.53 7.42 11.34
N TYR A 49 8.60 8.00 10.83
CA TYR A 49 9.52 7.25 9.96
C TYR A 49 10.98 7.39 10.37
N PHE A 50 11.24 8.12 11.45
CA PHE A 50 12.59 8.37 11.96
C PHE A 50 13.47 8.86 10.89
N LEU A 51 12.95 9.75 10.05
CA LEU A 51 13.80 10.58 9.22
C LEU A 51 14.37 11.76 10.03
N THR A 52 15.38 12.39 9.46
CA THR A 52 16.10 13.48 10.11
C THR A 52 16.11 14.74 9.25
N ASP A 53 16.50 15.87 9.82
CA ASP A 53 16.46 17.10 9.07
C ASP A 53 17.33 17.06 7.81
N PRO A 54 18.57 16.56 7.90
CA PRO A 54 19.40 16.43 6.68
C PRO A 54 18.70 15.71 5.53
N GLU A 55 17.96 14.66 5.84
CA GLU A 55 17.25 13.91 4.81
C GLU A 55 16.11 14.76 4.32
N LEU A 56 15.23 15.20 5.21
CA LEU A 56 14.05 15.92 4.75
C LEU A 56 14.34 17.28 4.10
N ASN A 57 15.46 17.90 4.48
CA ASN A 57 15.83 19.21 3.90
C ASN A 57 16.38 19.03 2.51
N ASP A 58 16.71 17.80 2.12
CA ASP A 58 17.28 17.54 0.83
C ASP A 58 16.17 17.65 -0.24
N GLU A 59 16.23 18.70 -1.06
CA GLU A 59 15.30 18.90 -2.19
C GLU A 59 15.48 17.84 -3.29
N ASP A 60 16.70 17.33 -3.49
CA ASP A 60 16.94 16.30 -4.50
C ASP A 60 16.37 14.99 -4.05
N LEU A 61 16.06 14.84 -2.78
CA LEU A 61 15.58 13.58 -2.27
C LEU A 61 14.08 13.49 -2.09
N PHE A 62 13.42 14.56 -1.70
CA PHE A 62 11.99 14.57 -1.58
C PHE A 62 11.44 15.79 -2.24
N HIS A 63 10.28 15.70 -2.89
CA HIS A 63 9.48 16.90 -3.19
C HIS A 63 8.82 17.34 -1.89
N ARG A 64 8.51 18.63 -1.78
CA ARG A 64 7.78 19.13 -0.66
C ARG A 64 6.91 20.31 -1.03
N LEU A 65 5.84 20.51 -0.25
CA LEU A 65 4.91 21.61 -0.39
C LEU A 65 5.03 22.48 0.83
N GLU A 66 5.29 23.78 0.66
CA GLU A 66 5.32 24.74 1.79
C GLU A 66 4.07 25.53 1.98
N LYS A 67 3.60 25.59 3.20
CA LYS A 67 2.50 26.48 3.53
C LYS A 67 2.88 27.32 4.75
N PRO A 68 2.16 28.43 4.97
CA PRO A 68 2.26 29.23 6.18
C PRO A 68 1.96 28.36 7.34
N ASN A 69 2.64 28.65 8.46
CA ASN A 69 2.53 27.86 9.65
C ASN A 69 1.18 28.13 10.25
N PRO A 70 0.33 27.11 10.38
CA PRO A 70 -1.04 27.43 10.78
C PRO A 70 -1.10 27.97 12.19
N HIS A 71 -0.10 27.70 13.03
CA HIS A 71 -0.08 28.26 14.36
C HIS A 71 0.09 29.76 14.41
N SER A 72 0.89 30.30 13.51
CA SER A 72 1.07 31.73 13.33
C SER A 72 1.93 31.95 12.13
N GLY A 73 1.51 32.88 11.28
CA GLY A 73 2.27 33.23 10.11
C GLY A 73 3.67 33.76 10.37
N THR A 74 3.98 34.16 11.58
CA THR A 74 5.32 34.61 11.87
C THR A 74 6.26 33.44 12.28
N PHE A 75 5.74 32.22 12.22
CA PHE A 75 6.48 31.01 12.59
C PHE A 75 7.04 30.38 11.34
N ALA A 76 7.92 29.41 11.53
CA ALA A 76 8.56 28.76 10.38
C ALA A 76 7.56 28.00 9.51
N ARG A 77 7.72 28.11 8.20
CA ARG A 77 6.75 27.55 7.23
C ARG A 77 6.57 26.08 7.39
N MET A 78 5.32 25.63 7.30
CA MET A 78 5.01 24.21 7.33
C MET A 78 5.45 23.55 6.03
N GLN A 79 5.97 22.36 6.14
CA GLN A 79 6.34 21.57 4.97
C GLN A 79 5.65 20.20 4.94
N LEU A 80 5.07 19.88 3.79
CA LEU A 80 4.33 18.64 3.66
C LEU A 80 4.95 17.76 2.64
N PHE A 81 5.02 16.47 2.96
CA PHE A 81 5.58 15.47 2.08
C PHE A 81 4.54 14.47 1.73
N VAL A 82 4.74 13.74 0.66
CA VAL A 82 3.74 12.77 0.27
C VAL A 82 4.17 11.40 0.74
N ARG A 83 3.21 10.62 1.23
CA ARG A 83 3.57 9.48 2.01
C ARG A 83 4.38 8.50 1.22
N CYS A 84 4.07 8.29 -0.03
CA CYS A 84 4.76 7.24 -0.77
C CYS A 84 6.20 7.54 -0.90
N GLU A 85 6.56 8.80 -1.14
CA GLU A 85 7.99 9.18 -1.25
C GLU A 85 8.76 8.90 0.03
N VAL A 86 8.21 9.45 1.09
CA VAL A 86 8.69 9.20 2.44
C VAL A 86 8.81 7.72 2.80
N GLU A 87 7.73 6.98 2.67
CA GLU A 87 7.67 5.60 3.07
C GLU A 87 8.63 4.74 2.21
N ALA A 88 8.88 5.14 0.96
CA ALA A 88 9.91 4.44 0.14
C ALA A 88 11.27 4.62 0.76
N PHE A 89 11.63 5.86 1.10
CA PHE A 89 12.91 6.16 1.68
C PHE A 89 13.09 5.51 3.03
N ALA A 90 12.08 5.59 3.86
CA ALA A 90 12.23 5.01 5.17
C ALA A 90 12.55 3.53 5.09
N PHE A 91 11.79 2.81 4.24
CA PHE A 91 11.97 1.39 4.00
C PHE A 91 13.39 1.03 3.47
N LYS A 92 13.84 1.80 2.48
CA LYS A 92 15.21 1.69 2.00
C LYS A 92 16.22 1.98 3.14
N LYS A 93 15.93 2.99 3.96
CA LYS A 93 16.77 3.30 5.12
C LYS A 93 16.78 2.21 6.18
N TRP A 94 15.61 1.69 6.57
CA TRP A 94 15.51 0.78 7.71
C TRP A 94 15.31 -0.71 7.39
N GLY A 95 15.12 -1.07 6.11
CA GLY A 95 14.87 -2.49 5.72
C GLY A 95 13.40 -2.93 5.82
N GLY A 96 12.59 -2.46 4.87
CA GLY A 96 11.13 -2.73 4.81
C GLY A 96 10.30 -2.30 6.02
N GLU A 97 9.02 -2.64 6.01
CA GLU A 97 8.16 -2.26 7.13
C GLU A 97 8.53 -2.98 8.42
N GLU A 98 9.07 -4.18 8.26
CA GLU A 98 9.57 -5.00 9.38
C GLU A 98 10.67 -4.26 10.13
N GLY A 99 11.68 -3.81 9.38
CA GLY A 99 12.89 -3.19 9.94
C GLY A 99 12.62 -1.87 10.62
N LEU A 100 11.62 -1.19 10.11
CA LEU A 100 11.11 0.03 10.71
C LEU A 100 10.37 -0.24 11.99
N ASP A 101 9.52 -1.27 11.98
CA ASP A 101 8.87 -1.71 13.20
C ASP A 101 9.92 -1.99 14.29
N GLU A 102 11.00 -2.69 13.94
CA GLU A 102 12.08 -2.90 14.92
C GLU A 102 12.68 -1.63 15.48
N GLU A 103 12.93 -0.66 14.60
CA GLU A 103 13.46 0.65 15.04
C GLU A 103 12.53 1.31 16.02
N TRP A 104 11.25 1.35 15.67
CA TRP A 104 10.19 1.75 16.60
C TRP A 104 10.28 0.99 17.93
N GLN A 105 10.42 -0.34 17.88
CA GLN A 105 10.62 -1.13 19.12
C GLN A 105 11.86 -0.68 19.90
N ARG A 106 12.96 -0.51 19.16
CA ARG A 106 14.24 -0.07 19.74
C ARG A 106 14.16 1.22 20.54
N ARG A 107 13.59 2.29 19.97
CA ARG A 107 13.56 3.63 20.64
C ARG A 107 12.55 3.65 21.77
N GLU A 108 11.51 2.83 21.60
CA GLU A 108 10.50 2.58 22.60
C GLU A 108 11.14 2.04 23.88
N GLU A 109 11.94 0.97 23.77
CA GLU A 109 12.59 0.34 24.93
C GLU A 109 13.63 1.29 25.51
N GLY A 110 14.21 2.13 24.67
CA GLY A 110 15.13 3.17 25.12
C GLY A 110 14.51 4.08 26.16
N LYS A 111 13.33 4.62 25.86
CA LYS A 111 12.70 5.58 26.77
C LYS A 111 12.01 4.97 27.98
N ALA A 112 11.44 3.77 27.82
CA ALA A 112 10.97 3.02 28.97
C ALA A 112 12.13 2.96 29.94
N HIS A 113 13.29 2.54 29.46
CA HIS A 113 14.50 2.43 30.29
C HIS A 113 15.01 3.82 30.83
N ARG A 114 14.68 4.91 30.15
CA ARG A 114 15.04 6.25 30.62
C ARG A 114 13.84 6.98 31.29
N ALA B 1 1.99 -10.85 25.71
CA ALA B 1 1.19 -11.26 24.49
C ALA B 1 1.46 -10.38 23.27
N PRO B 2 1.42 -11.00 22.09
CA PRO B 2 1.79 -10.32 20.83
C PRO B 2 0.68 -9.37 20.26
N LYS B 3 1.04 -8.14 19.95
CA LYS B 3 0.07 -7.14 19.53
C LYS B 3 0.01 -7.07 18.03
N CYS B 4 -1.16 -6.72 17.52
CA CYS B 4 -1.31 -6.57 16.10
C CYS B 4 -0.20 -5.72 15.52
N ILE B 5 0.18 -5.99 14.30
CA ILE B 5 1.31 -5.32 13.67
C ILE B 5 0.91 -4.06 12.96
N GLU B 6 -0.38 -3.83 12.81
CA GLU B 6 -0.84 -2.62 12.16
C GLU B 6 -1.14 -1.55 13.19
N CYS B 7 -1.81 -1.92 14.26
CA CYS B 7 -2.20 -0.96 15.26
C CYS B 7 -1.33 -1.02 16.51
N HIS B 8 -0.82 -2.20 16.83
CA HIS B 8 0.07 -2.35 17.96
C HIS B 8 -0.69 -2.25 19.27
N ILE B 9 -1.98 -2.50 19.23
CA ILE B 9 -2.84 -2.31 20.39
C ILE B 9 -3.59 -3.58 20.71
N ASN B 10 -4.28 -4.11 19.71
CA ASN B 10 -5.14 -5.26 19.89
C ASN B 10 -4.34 -6.53 20.06
N ILE B 11 -4.91 -7.45 20.85
CA ILE B 11 -4.29 -8.71 21.14
C ILE B 11 -5.05 -9.90 20.47
N GLU B 12 -6.37 -9.77 20.19
CA GLU B 12 -7.16 -10.76 19.42
C GLU B 12 -7.01 -10.60 17.93
N MET B 13 -6.41 -11.59 17.29
CA MET B 13 -6.17 -11.50 15.87
C MET B 13 -7.34 -12.02 15.10
N ASP B 14 -7.39 -11.64 13.83
CA ASP B 14 -8.44 -12.11 12.94
C ASP B 14 -8.21 -13.59 12.73
N PRO B 15 -9.22 -14.42 12.99
CA PRO B 15 -8.88 -15.84 12.96
C PRO B 15 -8.46 -16.36 11.60
N VAL B 16 -9.03 -15.86 10.51
CA VAL B 16 -8.62 -16.35 9.19
C VAL B 16 -7.24 -15.87 8.80
N LEU B 17 -6.96 -14.59 9.01
CA LEU B 17 -5.67 -14.02 8.57
C LEU B 17 -4.58 -14.59 9.43
N HIS B 18 -4.87 -14.84 10.71
CA HIS B 18 -3.91 -15.44 11.54
C HIS B 18 -3.71 -16.85 11.09
N ASP B 19 -4.79 -17.61 11.13
CA ASP B 19 -4.67 -19.06 10.97
C ASP B 19 -4.25 -19.51 9.60
N VAL B 20 -4.87 -18.92 8.60
CA VAL B 20 -4.66 -19.33 7.24
C VAL B 20 -3.50 -18.62 6.49
N PHE B 21 -3.34 -17.33 6.77
CA PHE B 21 -2.41 -16.49 6.08
C PHE B 21 -1.20 -16.10 6.92
N LYS B 22 -1.18 -16.54 8.19
CA LYS B 22 -0.02 -16.37 9.08
C LYS B 22 0.28 -14.91 9.31
N LEU B 23 -0.76 -14.10 9.49
CA LEU B 23 -0.57 -12.68 9.72
C LEU B 23 -1.10 -12.31 11.10
N GLN B 24 -0.26 -11.71 11.91
CA GLN B 24 -0.69 -11.21 13.20
C GLN B 24 -1.38 -9.90 12.99
N VAL B 25 -2.67 -9.95 12.62
CA VAL B 25 -3.44 -8.76 12.32
C VAL B 25 -4.86 -8.96 12.81
N CYS B 26 -5.49 -7.90 13.29
CA CYS B 26 -6.81 -8.02 13.86
C CYS B 26 -7.90 -7.63 12.88
N LYS B 27 -9.12 -8.03 13.19
CA LYS B 27 -10.24 -7.83 12.30
C LYS B 27 -10.39 -6.38 11.87
N GLN B 28 -10.23 -5.47 12.81
CA GLN B 28 -10.47 -4.06 12.53
C GLN B 28 -9.46 -3.49 11.57
N CYS B 29 -8.20 -3.84 11.76
CA CYS B 29 -7.13 -3.36 10.90
C CYS B 29 -7.16 -3.99 9.53
N SER B 30 -7.69 -5.19 9.44
CA SER B 30 -7.84 -5.83 8.15
C SER B 30 -8.91 -5.09 7.37
N LYS B 31 -9.90 -4.55 8.06
CA LYS B 31 -10.94 -3.78 7.34
C LYS B 31 -10.40 -2.39 6.98
N GLU B 32 -9.61 -1.80 7.86
CA GLU B 32 -9.01 -0.49 7.64
C GLU B 32 -7.83 -0.50 6.63
N HIS B 33 -7.51 -1.64 6.04
CA HIS B 33 -6.38 -1.72 5.10
C HIS B 33 -6.58 -2.80 4.00
N PRO B 34 -7.58 -2.62 3.15
CA PRO B 34 -7.81 -3.62 2.10
C PRO B 34 -6.70 -3.61 1.09
N GLU B 35 -5.92 -2.53 1.01
CA GLU B 35 -4.76 -2.51 0.13
C GLU B 35 -3.81 -3.69 0.41
N LYS B 36 -3.92 -4.31 1.58
CA LYS B 36 -3.10 -5.47 1.95
C LYS B 36 -3.88 -6.71 2.29
N TYR B 37 -5.05 -6.56 2.91
CA TYR B 37 -5.64 -7.68 3.60
C TYR B 37 -6.96 -8.17 3.03
N ALA B 38 -7.37 -7.59 1.92
CA ALA B 38 -8.63 -7.95 1.34
C ALA B 38 -8.43 -9.26 0.72
N LEU B 39 -9.48 -10.08 0.72
CA LEU B 39 -9.43 -11.36 0.06
C LEU B 39 -10.04 -11.30 -1.32
N LEU B 40 -9.34 -11.98 -2.24
CA LEU B 40 -9.69 -12.02 -3.62
C LEU B 40 -9.99 -13.42 -4.03
N THR B 41 -10.99 -13.62 -4.89
CA THR B 41 -11.26 -14.90 -5.43
C THR B 41 -10.14 -15.24 -6.39
N LYS B 42 -10.05 -16.50 -6.78
CA LYS B 42 -9.19 -16.94 -7.86
C LYS B 42 -9.42 -16.22 -9.21
N THR B 43 -10.68 -15.99 -9.57
CA THR B 43 -11.01 -15.20 -10.74
C THR B 43 -10.52 -13.76 -10.65
N GLU B 44 -10.61 -13.14 -9.49
CA GLU B 44 -10.09 -11.76 -9.35
C GLU B 44 -8.58 -11.73 -9.54
N CYS B 45 -7.88 -12.68 -8.96
CA CYS B 45 -6.45 -12.78 -9.18
C CYS B 45 -6.13 -12.91 -10.65
N LYS B 46 -6.83 -13.73 -11.41
CA LYS B 46 -6.50 -13.84 -12.84
C LYS B 46 -6.75 -12.55 -13.59
N GLU B 47 -7.89 -11.93 -13.31
CA GLU B 47 -8.31 -10.71 -14.02
C GLU B 47 -7.53 -9.51 -13.63
N ASP B 48 -7.30 -9.34 -12.35
CA ASP B 48 -6.65 -8.13 -11.89
C ASP B 48 -5.16 -8.16 -11.86
N TYR B 49 -4.54 -9.33 -11.84
CA TYR B 49 -3.08 -9.42 -11.71
C TYR B 49 -2.41 -10.28 -12.79
N PHE B 50 -3.21 -10.82 -13.71
CA PHE B 50 -2.76 -11.72 -14.76
C PHE B 50 -1.92 -12.84 -14.21
N LEU B 51 -2.31 -13.38 -13.07
CA LEU B 51 -1.81 -14.68 -12.64
C LEU B 51 -2.56 -15.82 -13.37
N THR B 52 -2.01 -17.02 -13.29
CA THR B 52 -2.47 -18.17 -14.04
C THR B 52 -2.71 -19.31 -13.09
N ASP B 53 -3.37 -20.34 -13.57
CA ASP B 53 -3.69 -21.44 -12.70
C ASP B 53 -2.46 -22.11 -12.09
N PRO B 54 -1.42 -22.40 -12.88
CA PRO B 54 -0.22 -23.02 -12.32
C PRO B 54 0.34 -22.24 -11.14
N GLU B 55 0.34 -20.92 -11.24
CA GLU B 55 0.82 -20.07 -10.16
C GLU B 55 -0.15 -20.16 -8.99
N LEU B 56 -1.43 -19.86 -9.21
CA LEU B 56 -2.37 -19.88 -8.09
C LEU B 56 -2.63 -21.26 -7.46
N ASN B 57 -2.46 -22.33 -8.22
CA ASN B 57 -2.64 -23.68 -7.67
C ASN B 57 -1.44 -24.09 -6.82
N ASP B 58 -0.34 -23.35 -6.87
CA ASP B 58 0.85 -23.68 -6.15
C ASP B 58 0.61 -23.32 -4.69
N GLU B 59 0.49 -24.35 -3.84
CA GLU B 59 0.37 -24.19 -2.38
C GLU B 59 1.65 -23.65 -1.72
N ASP B 60 2.83 -23.94 -2.28
CA ASP B 60 4.08 -23.41 -1.75
C ASP B 60 4.25 -21.96 -2.07
N LEU B 61 3.45 -21.44 -2.98
CA LEU B 61 3.59 -20.05 -3.39
C LEU B 61 2.56 -19.11 -2.80
N PHE B 62 1.33 -19.55 -2.59
CA PHE B 62 0.33 -18.74 -1.96
C PHE B 62 -0.39 -19.53 -0.91
N HIS B 63 -0.76 -18.93 0.22
CA HIS B 63 -1.81 -19.52 1.09
C HIS B 63 -3.15 -19.25 0.46
N ARG B 64 -4.14 -20.06 0.79
CA ARG B 64 -5.45 -19.83 0.30
C ARG B 64 -6.50 -20.34 1.25
N LEU B 65 -7.70 -19.77 1.15
CA LEU B 65 -8.87 -20.15 1.94
C LEU B 65 -9.93 -20.69 1.01
N GLU B 66 -10.41 -21.92 1.26
CA GLU B 66 -11.52 -22.51 0.46
C GLU B 66 -12.88 -22.42 1.11
N LYS B 67 -13.86 -21.97 0.35
CA LYS B 67 -15.22 -21.98 0.80
C LYS B 67 -16.09 -22.64 -0.26
N PRO B 68 -17.32 -23.06 0.12
CA PRO B 68 -18.31 -23.56 -0.79
C PRO B 68 -18.60 -22.51 -1.78
N ASN B 69 -18.89 -22.94 -3.01
CA ASN B 69 -19.12 -22.00 -4.11
C ASN B 69 -20.46 -21.33 -3.86
N PRO B 70 -20.46 -20.01 -3.68
CA PRO B 70 -21.73 -19.36 -3.34
C PRO B 70 -22.79 -19.50 -4.43
N HIS B 71 -22.42 -19.77 -5.67
CA HIS B 71 -23.41 -20.02 -6.70
C HIS B 71 -24.18 -21.31 -6.58
N SER B 72 -23.51 -22.35 -6.14
CA SER B 72 -24.14 -23.64 -5.87
C SER B 72 -23.13 -24.51 -5.21
N GLY B 73 -23.51 -25.15 -4.14
CA GLY B 73 -22.60 -26.05 -3.46
C GLY B 73 -22.11 -27.22 -4.30
N THR B 74 -22.73 -27.53 -5.42
CA THR B 74 -22.27 -28.62 -6.24
C THR B 74 -21.22 -28.14 -7.27
N PHE B 75 -20.85 -26.88 -7.17
CA PHE B 75 -19.89 -26.28 -8.03
C PHE B 75 -18.53 -26.31 -7.37
N ALA B 76 -17.49 -26.02 -8.15
CA ALA B 76 -16.12 -26.10 -7.62
C ALA B 76 -15.90 -25.08 -6.52
N ARG B 77 -15.19 -25.48 -5.48
CA ARG B 77 -15.03 -24.63 -4.28
C ARG B 77 -14.40 -23.29 -4.62
N MET B 78 -14.90 -22.25 -3.97
CA MET B 78 -14.28 -20.93 -4.09
C MET B 78 -12.95 -20.89 -3.37
N GLN B 79 -11.99 -20.20 -3.95
CA GLN B 79 -10.70 -19.97 -3.29
C GLN B 79 -10.32 -18.49 -3.16
N LEU B 80 -9.89 -18.11 -1.97
CA LEU B 80 -9.62 -16.71 -1.69
C LEU B 80 -8.19 -16.52 -1.31
N PHE B 81 -7.59 -15.46 -1.83
CA PHE B 81 -6.20 -15.17 -1.56
C PHE B 81 -6.10 -13.82 -0.91
N VAL B 82 -5.02 -13.55 -0.23
CA VAL B 82 -4.91 -12.31 0.46
C VAL B 82 -4.10 -11.36 -0.40
N ARG B 83 -4.52 -10.09 -0.44
CA ARG B 83 -4.04 -9.24 -1.51
C ARG B 83 -2.56 -9.06 -1.46
N CYS B 84 -1.98 -8.92 -0.29
CA CYS B 84 -0.58 -8.60 -0.22
C CYS B 84 0.23 -9.70 -0.79
N GLU B 85 -0.12 -10.96 -0.53
CA GLU B 85 0.64 -12.10 -1.13
C GLU B 85 0.62 -12.07 -2.65
N VAL B 86 -0.59 -12.02 -3.17
CA VAL B 86 -0.84 -11.85 -4.61
C VAL B 86 -0.12 -10.67 -5.25
N GLU B 87 -0.31 -9.50 -4.71
CA GLU B 87 0.24 -8.29 -5.27
C GLU B 87 1.79 -8.30 -5.19
N ALA B 88 2.35 -8.99 -4.19
CA ALA B 88 3.81 -9.16 -4.15
C ALA B 88 4.27 -9.96 -5.34
N PHE B 89 3.61 -11.10 -5.58
CA PHE B 89 3.99 -11.98 -6.67
C PHE B 89 3.79 -11.31 -8.01
N ALA B 90 2.67 -10.64 -8.18
CA ALA B 90 2.41 -10.03 -9.46
C ALA B 90 3.50 -9.05 -9.82
N PHE B 91 3.87 -8.21 -8.84
CA PHE B 91 4.95 -7.20 -9.00
C PHE B 91 6.32 -7.82 -9.33
N LYS B 92 6.68 -8.86 -8.62
CA LYS B 92 7.86 -9.65 -8.94
C LYS B 92 7.76 -10.25 -10.35
N LYS B 93 6.57 -10.73 -10.72
CA LYS B 93 6.35 -11.25 -12.07
C LYS B 93 6.44 -10.21 -13.15
N TRP B 94 5.79 -9.05 -12.98
CA TRP B 94 5.64 -8.07 -14.06
C TRP B 94 6.52 -6.84 -13.95
N GLY B 95 7.28 -6.69 -12.86
CA GLY B 95 8.11 -5.47 -12.64
C GLY B 95 7.39 -4.26 -12.04
N GLY B 96 7.11 -4.32 -10.74
CA GLY B 96 6.38 -3.29 -9.99
C GLY B 96 4.98 -2.95 -10.49
N GLU B 97 4.37 -1.95 -9.87
CA GLU B 97 3.04 -1.54 -10.30
C GLU B 97 3.03 -0.94 -11.70
N GLU B 98 4.15 -0.33 -12.06
CA GLU B 98 4.34 0.24 -13.41
C GLU B 98 4.22 -0.84 -14.47
N GLY B 99 5.00 -1.91 -14.29
CA GLY B 99 5.09 -2.99 -15.27
C GLY B 99 3.81 -3.75 -15.47
N LEU B 100 3.05 -3.84 -14.38
CA LEU B 100 1.72 -4.41 -14.41
C LEU B 100 0.73 -3.54 -15.14
N ASP B 101 0.80 -2.23 -14.87
CA ASP B 101 -0.02 -1.29 -15.61
C ASP B 101 0.24 -1.47 -17.11
N GLU B 102 1.50 -1.60 -17.51
CA GLU B 102 1.78 -1.84 -18.91
C GLU B 102 1.12 -3.10 -19.45
N GLU B 103 1.20 -4.18 -18.68
CA GLU B 103 0.59 -5.45 -19.10
C GLU B 103 -0.87 -5.33 -19.30
N TRP B 104 -1.55 -4.70 -18.34
CA TRP B 104 -2.94 -4.23 -18.52
C TRP B 104 -3.15 -3.42 -19.82
N GLN B 105 -2.28 -2.43 -20.09
CA GLN B 105 -2.35 -1.69 -21.37
C GLN B 105 -2.19 -2.65 -22.56
N ARG B 106 -1.19 -3.54 -22.49
CA ARG B 106 -0.89 -4.54 -23.54
C ARG B 106 -2.09 -5.37 -23.97
N ARG B 107 -2.78 -6.00 -23.00
CA ARG B 107 -3.92 -6.91 -23.32
C ARG B 107 -5.17 -6.12 -23.76
N GLU B 108 -5.28 -4.90 -23.24
CA GLU B 108 -6.36 -4.01 -23.67
C GLU B 108 -6.23 -3.54 -25.14
N GLU B 109 -5.02 -3.21 -25.60
CA GLU B 109 -4.78 -2.90 -27.04
C GLU B 109 -4.96 -4.17 -27.89
N GLY B 110 -4.68 -5.34 -27.30
CA GLY B 110 -4.98 -6.63 -27.93
C GLY B 110 -6.45 -6.77 -28.29
N LYS B 111 -7.33 -6.48 -27.33
CA LYS B 111 -8.81 -6.64 -27.47
C LYS B 111 -9.44 -5.59 -28.39
N ALA B 112 -8.96 -4.35 -28.29
CA ALA B 112 -9.35 -3.32 -29.24
C ALA B 112 -9.02 -3.82 -30.63
N HIS B 113 -7.77 -4.23 -30.86
CA HIS B 113 -7.28 -4.64 -32.22
C HIS B 113 -7.96 -5.93 -32.71
N ARG B 114 -8.61 -6.67 -31.80
CA ARG B 114 -9.62 -7.67 -32.15
C ARG B 114 -11.05 -7.01 -32.30
N ARG B 115 -11.12 -5.78 -32.81
CA ARG B 115 -12.37 -5.07 -33.20
C ARG B 115 -13.65 -5.59 -32.57
#